data_5UJV
#
_entry.id   5UJV
#
_cell.length_a   110.620
_cell.length_b   110.620
_cell.length_c   124.200
_cell.angle_alpha   90.00
_cell.angle_beta   90.00
_cell.angle_gamma   90.00
#
_symmetry.space_group_name_H-M   'P 42 21 2'
#
loop_
_entity.id
_entity.type
_entity.pdbx_description
1 polymer PYR1
2 non-polymer '(2Z,4E)-5-[(1S)-1-hydroxy-2,6,6-trimethyl-4-oxocyclohex-2-en-1-yl]-3-methylpenta-2,4-dienoic acid'
3 water water
#
_entity_poly.entity_id   1
_entity_poly.type   'polypeptide(L)'
_entity_poly.pdbx_seq_one_letter_code
;MEQQPAAAEPEVPAGLGLTAAEYAELQPTVEAYHRYAVGPGQCSSLVAQRIEAPAAAVWAIVRRFDCPQVYKHFIRSCAL
RPDPDAGDELRPGRLREVSVISGLPASTSTERLDLLDDARRAFGFTITGGEHRLANYRSVTTVSELAPAAPAKICTVVLE
SYVVDVPEGNSEEDTRLFADTVVRLNLQKLKSLAEANATSAAAQATPPPQAE
;
_entity_poly.pdbx_strand_id   A,B,C
#
# COMPACT_ATOMS: atom_id res chain seq x y z
N GLU A 11 -4.21 -4.19 4.50
CA GLU A 11 -4.28 -3.08 3.55
C GLU A 11 -3.74 -3.48 2.18
N VAL A 12 -3.74 -4.79 1.91
CA VAL A 12 -3.32 -5.33 0.62
C VAL A 12 -4.37 -5.05 -0.45
N PRO A 13 -3.98 -4.41 -1.56
CA PRO A 13 -4.93 -4.15 -2.65
C PRO A 13 -5.56 -5.43 -3.18
N ALA A 14 -6.84 -5.37 -3.53
CA ALA A 14 -7.59 -6.56 -3.92
C ALA A 14 -7.07 -7.18 -5.21
N GLY A 15 -6.98 -8.50 -5.22
CA GLY A 15 -6.61 -9.27 -6.40
C GLY A 15 -5.14 -9.23 -6.78
N LEU A 16 -4.26 -8.92 -5.83
CA LEU A 16 -2.85 -8.72 -6.15
C LEU A 16 -2.02 -10.00 -6.34
N GLY A 17 -2.12 -10.96 -5.43
CA GLY A 17 -1.31 -12.16 -5.49
C GLY A 17 -0.23 -12.23 -4.43
N LEU A 18 -0.07 -11.14 -3.68
CA LEU A 18 0.84 -11.11 -2.54
C LEU A 18 0.06 -11.18 -1.23
N THR A 19 0.67 -11.80 -0.21
CA THR A 19 0.08 -11.90 1.11
C THR A 19 0.20 -10.60 1.88
N ALA A 20 -0.25 -10.62 3.13
CA ALA A 20 -0.18 -9.43 3.99
C ALA A 20 1.25 -9.16 4.46
N ALA A 21 1.93 -10.21 4.91
CA ALA A 21 3.30 -10.09 5.40
C ALA A 21 4.25 -9.64 4.29
N GLU A 22 3.99 -10.09 3.07
CA GLU A 22 4.80 -9.72 1.92
C GLU A 22 4.56 -8.29 1.49
N TYR A 23 3.29 -7.89 1.46
CA TYR A 23 2.94 -6.54 1.02
C TYR A 23 3.39 -5.49 2.03
N ALA A 24 3.35 -5.83 3.31
CA ALA A 24 3.78 -4.91 4.37
C ALA A 24 5.21 -4.44 4.18
N GLU A 25 6.06 -5.32 3.65
CA GLU A 25 7.45 -4.98 3.34
C GLU A 25 7.58 -4.21 2.04
N LEU A 26 6.71 -4.52 1.10
CA LEU A 26 6.81 -3.97 -0.25
C LEU A 26 6.09 -2.63 -0.41
N GLN A 27 5.28 -2.27 0.58
CA GLN A 27 4.47 -1.04 0.48
C GLN A 27 5.29 0.24 0.29
N PRO A 28 6.43 0.39 1.00
CA PRO A 28 7.28 1.55 0.68
C PRO A 28 7.69 1.61 -0.79
N THR A 29 7.98 0.46 -1.39
CA THR A 29 8.31 0.36 -2.80
C THR A 29 7.08 0.61 -3.67
N VAL A 30 5.92 0.18 -3.18
CA VAL A 30 4.66 0.42 -3.88
C VAL A 30 4.27 1.91 -3.81
N GLU A 31 4.39 2.49 -2.62
CA GLU A 31 4.00 3.88 -2.42
C GLU A 31 5.00 4.83 -3.08
N ALA A 32 6.24 4.39 -3.24
CA ALA A 32 7.24 5.22 -3.92
C ALA A 32 7.24 5.16 -5.45
N TYR A 33 7.33 3.95 -6.01
CA TYR A 33 7.44 3.81 -7.47
C TYR A 33 6.16 3.47 -8.25
N HIS A 34 5.15 2.93 -7.59
CA HIS A 34 3.93 2.62 -8.33
C HIS A 34 2.74 3.39 -7.79
N ARG A 35 2.46 4.54 -8.41
CA ARG A 35 1.30 5.35 -8.08
C ARG A 35 1.01 6.22 -9.30
N TYR A 36 -0.26 6.50 -9.56
CA TYR A 36 -0.61 7.27 -10.74
C TYR A 36 -1.83 8.14 -10.52
N ALA A 37 -1.87 9.25 -11.25
CA ALA A 37 -3.08 10.07 -11.31
C ALA A 37 -3.88 9.63 -12.52
N VAL A 38 -5.03 9.02 -12.27
CA VAL A 38 -5.82 8.44 -13.33
C VAL A 38 -6.96 9.38 -13.73
N GLY A 39 -6.94 9.83 -14.98
CA GLY A 39 -7.99 10.69 -15.49
C GLY A 39 -9.17 9.85 -15.99
N PRO A 40 -10.29 10.52 -16.32
CA PRO A 40 -11.51 9.85 -16.77
C PRO A 40 -11.30 8.89 -17.94
N GLY A 41 -10.36 9.22 -18.82
CA GLY A 41 -10.08 8.40 -19.98
C GLY A 41 -8.86 7.52 -19.81
N GLN A 42 -8.49 7.26 -18.56
CA GLN A 42 -7.32 6.44 -18.24
C GLN A 42 -7.67 5.31 -17.29
N CYS A 43 -6.75 4.35 -17.18
CA CYS A 43 -6.84 3.32 -16.16
C CYS A 43 -5.45 2.85 -15.77
N SER A 44 -5.30 2.40 -14.52
CA SER A 44 -4.02 1.89 -14.06
C SER A 44 -4.18 0.51 -13.42
N SER A 45 -3.07 -0.21 -13.30
CA SER A 45 -3.07 -1.54 -12.70
C SER A 45 -1.71 -1.88 -12.13
N LEU A 46 -1.69 -2.84 -11.22
CA LEU A 46 -0.44 -3.29 -10.60
C LEU A 46 -0.42 -4.81 -10.55
N VAL A 47 0.70 -5.38 -10.99
CA VAL A 47 0.86 -6.83 -11.09
C VAL A 47 2.09 -7.27 -10.29
N ALA A 48 1.95 -8.36 -9.55
CA ALA A 48 3.08 -8.92 -8.82
C ALA A 48 3.48 -10.29 -9.37
N GLN A 49 4.77 -10.58 -9.30
CA GLN A 49 5.29 -11.89 -9.70
C GLN A 49 6.38 -12.34 -8.73
N ARG A 50 6.20 -13.52 -8.14
CA ARG A 50 7.25 -14.12 -7.31
C ARG A 50 8.20 -14.90 -8.20
N ILE A 51 9.50 -14.73 -7.96
CA ILE A 51 10.54 -15.46 -8.69
C ILE A 51 11.53 -16.05 -7.70
N GLU A 52 11.89 -17.31 -7.87
CA GLU A 52 12.86 -17.91 -6.97
C GLU A 52 14.21 -17.83 -7.66
N ALA A 53 14.94 -16.78 -7.31
CA ALA A 53 16.20 -16.41 -7.96
C ALA A 53 16.72 -15.13 -7.32
N PRO A 54 18.05 -14.96 -7.29
CA PRO A 54 18.64 -13.75 -6.69
C PRO A 54 18.15 -12.47 -7.36
N ALA A 55 18.04 -11.41 -6.58
CA ALA A 55 17.48 -10.14 -7.05
C ALA A 55 18.34 -9.52 -8.15
N ALA A 56 19.63 -9.83 -8.15
CA ALA A 56 20.54 -9.27 -9.14
C ALA A 56 20.30 -9.88 -10.52
N ALA A 57 20.06 -11.19 -10.55
CA ALA A 57 19.84 -11.91 -11.80
C ALA A 57 18.56 -11.44 -12.50
N VAL A 58 17.47 -11.34 -11.75
CA VAL A 58 16.21 -10.85 -12.30
C VAL A 58 16.37 -9.43 -12.84
N TRP A 59 16.94 -8.56 -12.01
CA TRP A 59 17.14 -7.16 -12.37
C TRP A 59 18.08 -7.00 -13.57
N ALA A 60 19.03 -7.92 -13.72
CA ALA A 60 19.98 -7.85 -14.82
C ALA A 60 19.29 -8.01 -16.17
N ILE A 61 18.20 -8.78 -16.19
CA ILE A 61 17.42 -8.96 -17.40
C ILE A 61 16.49 -7.76 -17.64
N VAL A 62 15.88 -7.28 -16.56
CA VAL A 62 14.92 -6.18 -16.63
C VAL A 62 15.58 -4.85 -17.01
N ARG A 63 16.79 -4.62 -16.52
CA ARG A 63 17.47 -3.34 -16.71
C ARG A 63 17.95 -3.14 -18.15
N ARG A 64 17.86 -4.17 -18.98
CA ARG A 64 18.35 -4.05 -20.34
C ARG A 64 17.23 -3.51 -21.21
N PHE A 65 17.36 -2.24 -21.57
CA PHE A 65 16.35 -1.54 -22.34
C PHE A 65 16.49 -1.86 -23.81
N ASP A 66 17.70 -2.30 -24.18
CA ASP A 66 18.02 -2.59 -25.57
C ASP A 66 17.41 -3.92 -26.03
N CYS A 67 17.27 -4.87 -25.13
CA CYS A 67 16.77 -6.20 -25.48
C CYS A 67 15.57 -6.66 -24.66
N PRO A 68 14.41 -6.01 -24.85
CA PRO A 68 13.18 -6.47 -24.18
C PRO A 68 12.65 -7.78 -24.77
N GLN A 69 13.02 -8.09 -26.01
CA GLN A 69 12.50 -9.27 -26.70
C GLN A 69 12.95 -10.57 -26.03
N VAL A 70 13.85 -10.45 -25.05
CA VAL A 70 14.33 -11.60 -24.29
C VAL A 70 13.25 -12.17 -23.37
N TYR A 71 12.70 -11.34 -22.48
CA TYR A 71 11.62 -11.81 -21.61
C TYR A 71 10.21 -11.45 -22.08
N LYS A 72 10.08 -10.53 -23.03
CA LYS A 72 8.74 -10.07 -23.42
C LYS A 72 8.16 -10.99 -24.49
N HIS A 73 6.96 -11.49 -24.21
CA HIS A 73 6.38 -12.62 -24.90
C HIS A 73 6.05 -12.38 -26.37
N PHE A 74 5.42 -11.25 -26.67
CA PHE A 74 4.89 -10.98 -28.00
C PHE A 74 5.84 -10.21 -28.92
N ILE A 75 7.08 -9.98 -28.47
CA ILE A 75 8.04 -9.19 -29.25
C ILE A 75 8.94 -10.04 -30.14
N ARG A 76 8.78 -9.90 -31.46
CA ARG A 76 9.58 -10.69 -32.40
C ARG A 76 11.01 -10.14 -32.52
N SER A 77 11.12 -8.82 -32.68
CA SER A 77 12.42 -8.17 -32.78
C SER A 77 12.38 -6.74 -32.24
N CYS A 78 13.54 -6.21 -31.86
CA CYS A 78 13.65 -4.85 -31.37
C CYS A 78 14.98 -4.21 -31.74
N ALA A 79 14.94 -2.91 -32.05
CA ALA A 79 16.12 -2.17 -32.45
C ALA A 79 16.21 -0.83 -31.71
N LEU A 80 17.35 -0.57 -31.08
CA LEU A 80 17.55 0.63 -30.29
C LEU A 80 18.08 1.78 -31.14
N ARG A 81 17.56 2.98 -30.89
CA ARG A 81 17.99 4.18 -31.59
C ARG A 81 19.44 4.53 -31.22
N PRO A 82 20.23 5.00 -32.21
CA PRO A 82 21.65 5.34 -32.03
C PRO A 82 21.92 6.41 -30.97
N ASP A 83 23.14 6.40 -30.45
CA ASP A 83 23.52 7.19 -29.28
C ASP A 83 23.55 8.70 -29.48
N PRO A 84 22.75 9.43 -28.69
CA PRO A 84 22.93 10.88 -28.55
C PRO A 84 23.93 11.18 -27.44
N ASP A 85 25.21 10.92 -27.72
CA ASP A 85 26.33 11.25 -26.84
C ASP A 85 26.37 10.50 -25.50
N ALA A 86 25.91 9.25 -25.47
CA ALA A 86 26.22 8.38 -24.33
C ALA A 86 26.71 7.02 -24.81
N GLY A 87 28.00 6.76 -24.63
CA GLY A 87 28.60 5.54 -25.13
C GLY A 87 28.34 4.22 -24.41
N ASP A 88 28.79 4.15 -23.16
CA ASP A 88 28.84 2.87 -22.46
C ASP A 88 27.63 2.58 -21.58
N GLU A 89 26.79 3.58 -21.37
CA GLU A 89 25.67 3.42 -20.44
C GLU A 89 24.35 3.88 -21.05
N LEU A 90 23.28 3.20 -20.67
CA LEU A 90 21.95 3.57 -21.14
C LEU A 90 21.33 4.53 -20.15
N ARG A 91 21.26 5.81 -20.54
CA ARG A 91 20.69 6.84 -19.70
C ARG A 91 19.20 7.02 -20.00
N PRO A 92 18.45 7.59 -19.04
CA PRO A 92 17.04 7.90 -19.34
C PRO A 92 16.91 8.89 -20.49
N GLY A 93 15.89 8.71 -21.32
CA GLY A 93 15.69 9.57 -22.49
C GLY A 93 15.99 8.89 -23.80
N ARG A 94 16.57 7.69 -23.74
CA ARG A 94 16.83 6.90 -24.94
C ARG A 94 15.53 6.32 -25.48
N LEU A 95 15.44 6.20 -26.81
CA LEU A 95 14.25 5.64 -27.45
C LEU A 95 14.57 4.33 -28.16
N ARG A 96 13.59 3.44 -28.19
CA ARG A 96 13.72 2.19 -28.94
C ARG A 96 12.50 2.01 -29.83
N GLU A 97 12.63 1.13 -30.82
CA GLU A 97 11.51 0.79 -31.69
C GLU A 97 11.27 -0.71 -31.66
N VAL A 98 10.09 -1.09 -31.15
CA VAL A 98 9.75 -2.48 -30.88
C VAL A 98 8.82 -3.05 -31.94
N SER A 99 9.16 -4.23 -32.46
CA SER A 99 8.31 -4.92 -33.43
C SER A 99 7.53 -6.06 -32.78
N VAL A 100 6.24 -6.13 -33.09
CA VAL A 100 5.33 -7.10 -32.47
C VAL A 100 4.88 -8.14 -33.50
N ILE A 101 4.53 -9.34 -33.04
CA ILE A 101 4.07 -10.41 -33.93
C ILE A 101 2.75 -10.03 -34.63
N SER A 102 2.49 -10.70 -35.75
CA SER A 102 1.39 -10.36 -36.64
C SER A 102 0.00 -10.65 -36.07
N GLY A 103 -0.95 -9.78 -36.41
CA GLY A 103 -2.34 -9.96 -36.10
C GLY A 103 -2.81 -9.17 -34.91
N LEU A 104 -1.89 -8.86 -34.01
CA LEU A 104 -2.20 -8.21 -32.74
C LEU A 104 -2.66 -6.79 -33.03
N PRO A 105 -3.30 -6.12 -32.05
CA PRO A 105 -3.74 -4.74 -32.32
C PRO A 105 -2.60 -3.85 -32.78
N ALA A 106 -1.38 -4.17 -32.33
CA ALA A 106 -0.22 -3.38 -32.63
C ALA A 106 0.76 -4.09 -33.55
N SER A 107 1.15 -3.41 -34.63
CA SER A 107 2.23 -3.89 -35.48
C SER A 107 3.59 -3.53 -34.89
N THR A 108 3.71 -2.30 -34.39
CA THR A 108 4.98 -1.78 -33.90
C THR A 108 4.77 -0.70 -32.86
N SER A 109 5.81 -0.45 -32.05
CA SER A 109 5.74 0.53 -30.98
C SER A 109 7.07 1.26 -30.78
N THR A 110 6.99 2.55 -30.46
CA THR A 110 8.18 3.34 -30.15
C THR A 110 8.17 3.72 -28.67
N GLU A 111 9.13 3.17 -27.93
CA GLU A 111 9.15 3.33 -26.48
C GLU A 111 10.39 4.08 -26.01
N ARG A 112 10.23 4.92 -25.00
CA ARG A 112 11.32 5.74 -24.47
C ARG A 112 11.65 5.39 -23.03
N LEU A 113 12.94 5.33 -22.71
CA LEU A 113 13.39 5.05 -21.35
C LEU A 113 13.13 6.26 -20.44
N ASP A 114 12.45 6.01 -19.32
CA ASP A 114 12.10 7.07 -18.36
C ASP A 114 12.95 6.96 -17.10
N LEU A 115 12.88 5.80 -16.45
CA LEU A 115 13.64 5.55 -15.23
C LEU A 115 14.52 4.30 -15.35
N LEU A 116 15.81 4.46 -15.10
CA LEU A 116 16.67 3.31 -14.86
C LEU A 116 17.59 3.60 -13.67
N ASP A 117 17.37 2.89 -12.56
CA ASP A 117 18.14 3.09 -11.34
C ASP A 117 18.66 1.74 -10.88
N ASP A 118 19.97 1.56 -10.96
CA ASP A 118 20.58 0.27 -10.64
C ASP A 118 20.69 0.08 -9.13
N ALA A 119 20.78 1.18 -8.41
CA ALA A 119 20.94 1.15 -6.95
C ALA A 119 19.64 0.74 -6.26
N ARG A 120 18.54 1.33 -6.69
CA ARG A 120 17.24 1.07 -6.08
C ARG A 120 16.44 0.03 -6.89
N ARG A 121 17.04 -0.43 -7.98
CA ARG A 121 16.48 -1.49 -8.83
C ARG A 121 15.07 -1.17 -9.30
N ALA A 122 14.94 -0.01 -9.93
CA ALA A 122 13.66 0.43 -10.49
C ALA A 122 13.83 0.81 -11.95
N PHE A 123 12.86 0.42 -12.76
CA PHE A 123 12.90 0.61 -14.21
C PHE A 123 11.59 1.23 -14.66
N GLY A 124 11.62 1.95 -15.78
CA GLY A 124 10.40 2.53 -16.31
C GLY A 124 10.55 3.05 -17.73
N PHE A 125 9.44 3.10 -18.45
CA PHE A 125 9.44 3.57 -19.84
C PHE A 125 8.06 4.03 -20.26
N THR A 126 8.01 4.83 -21.33
CA THR A 126 6.75 5.35 -21.84
C THR A 126 6.65 5.14 -23.35
N ILE A 127 5.43 4.88 -23.82
CA ILE A 127 5.19 4.70 -25.24
C ILE A 127 4.78 6.03 -25.86
N THR A 128 5.55 6.46 -26.86
CA THR A 128 5.34 7.75 -27.51
C THR A 128 4.42 7.60 -28.74
N GLY A 129 4.83 6.78 -29.70
CA GLY A 129 4.04 6.55 -30.88
C GLY A 129 4.28 5.21 -31.55
N GLY A 130 3.53 4.94 -32.62
CA GLY A 130 3.65 3.70 -33.34
C GLY A 130 2.27 3.30 -33.84
N GLU A 131 2.12 2.03 -34.22
CA GLU A 131 0.80 1.51 -34.55
C GLU A 131 0.28 0.71 -33.36
N HIS A 132 -0.71 1.26 -32.66
CA HIS A 132 -1.38 0.58 -31.53
C HIS A 132 -2.54 1.41 -30.97
N ARG A 133 -3.45 0.72 -30.28
CA ARG A 133 -4.63 1.36 -29.70
C ARG A 133 -4.32 2.02 -28.37
N LEU A 134 -3.43 1.41 -27.61
CA LEU A 134 -3.07 1.92 -26.29
C LEU A 134 -2.15 3.13 -26.42
N ALA A 135 -2.58 4.25 -25.84
CA ALA A 135 -1.84 5.49 -25.94
C ALA A 135 -1.40 5.98 -24.56
N ASN A 136 -0.24 6.66 -24.52
CA ASN A 136 0.32 7.20 -23.29
C ASN A 136 0.52 6.15 -22.21
N TYR A 137 1.06 4.99 -22.62
CA TYR A 137 1.32 3.91 -21.70
C TYR A 137 2.60 4.18 -20.92
N ARG A 138 2.45 4.35 -19.60
CA ARG A 138 3.59 4.56 -18.73
C ARG A 138 3.73 3.34 -17.85
N SER A 139 4.94 2.79 -17.76
CA SER A 139 5.16 1.58 -16.99
C SER A 139 6.32 1.75 -16.02
N VAL A 140 6.20 1.12 -14.85
CA VAL A 140 7.27 1.13 -13.86
C VAL A 140 7.48 -0.28 -13.33
N THR A 141 8.71 -0.79 -13.46
CA THR A 141 9.05 -2.13 -13.00
C THR A 141 10.09 -2.09 -11.89
N THR A 142 9.75 -2.64 -10.71
CA THR A 142 10.70 -2.71 -9.61
C THR A 142 11.01 -4.16 -9.22
N VAL A 143 12.27 -4.41 -8.88
CA VAL A 143 12.71 -5.70 -8.40
C VAL A 143 13.07 -5.60 -6.93
N SER A 144 12.45 -6.42 -6.10
CA SER A 144 12.64 -6.33 -4.65
C SER A 144 13.01 -7.67 -4.02
N GLU A 145 13.92 -7.63 -3.06
CA GLU A 145 14.36 -8.84 -2.38
C GLU A 145 13.73 -8.96 -1.00
N LEU A 146 13.04 -10.07 -0.75
CA LEU A 146 12.49 -10.34 0.57
C LEU A 146 13.38 -11.35 1.28
N ALA A 147 14.17 -10.87 2.24
CA ALA A 147 15.18 -11.69 2.90
C ALA A 147 14.71 -12.18 4.25
N PRO A 148 14.64 -13.51 4.42
CA PRO A 148 14.24 -14.10 5.70
C PRO A 148 15.36 -14.01 6.73
N ALA A 149 15.00 -13.82 8.00
CA ALA A 149 16.01 -13.69 9.05
C ALA A 149 16.63 -15.06 9.34
N ALA A 150 15.79 -16.08 9.31
CA ALA A 150 16.22 -17.48 9.36
C ALA A 150 16.62 -17.90 7.94
N PRO A 151 17.36 -19.02 7.79
CA PRO A 151 17.80 -19.45 6.46
C PRO A 151 16.75 -20.17 5.61
N ALA A 152 16.02 -19.44 4.78
CA ALA A 152 15.08 -20.05 3.85
C ALA A 152 15.49 -19.84 2.38
N LYS A 153 14.63 -20.29 1.46
CA LYS A 153 14.87 -20.13 0.02
C LYS A 153 14.75 -18.66 -0.41
N ILE A 154 15.35 -18.34 -1.55
CA ILE A 154 15.32 -16.97 -2.08
C ILE A 154 13.96 -16.62 -2.67
N CYS A 155 13.44 -15.47 -2.29
CA CYS A 155 12.20 -14.94 -2.88
C CYS A 155 12.39 -13.51 -3.36
N THR A 156 12.28 -13.34 -4.67
CA THR A 156 12.38 -12.01 -5.27
C THR A 156 11.01 -11.66 -5.83
N VAL A 157 10.49 -10.49 -5.44
CA VAL A 157 9.18 -10.06 -5.92
C VAL A 157 9.33 -8.94 -6.92
N VAL A 158 8.77 -9.15 -8.10
CA VAL A 158 8.78 -8.13 -9.14
C VAL A 158 7.42 -7.44 -9.19
N LEU A 159 7.43 -6.11 -9.11
CA LEU A 159 6.21 -5.32 -9.24
C LEU A 159 6.25 -4.49 -10.51
N GLU A 160 5.22 -4.63 -11.34
CA GLU A 160 5.10 -3.82 -12.54
C GLU A 160 3.73 -3.16 -12.62
N SER A 161 3.72 -1.84 -12.60
CA SER A 161 2.48 -1.08 -12.69
C SER A 161 2.47 -0.21 -13.94
N TYR A 162 1.27 0.11 -14.42
CA TYR A 162 1.14 0.94 -15.60
C TYR A 162 -0.09 1.84 -15.51
N VAL A 163 -0.12 2.86 -16.37
CA VAL A 163 -1.34 3.62 -16.60
C VAL A 163 -1.48 3.84 -18.10
N VAL A 164 -2.71 3.75 -18.60
CA VAL A 164 -2.93 3.81 -20.04
C VAL A 164 -4.28 4.47 -20.36
N ASP A 165 -4.35 5.10 -21.53
CA ASP A 165 -5.58 5.72 -22.00
C ASP A 165 -6.52 4.67 -22.58
N VAL A 166 -7.80 4.80 -22.28
CA VAL A 166 -8.81 3.91 -22.82
C VAL A 166 -9.42 4.48 -24.10
N PRO A 167 -9.31 3.74 -25.22
CA PRO A 167 -9.91 4.18 -26.49
C PRO A 167 -11.41 4.41 -26.35
N GLU A 168 -11.97 5.27 -27.20
CA GLU A 168 -13.37 5.64 -27.13
C GLU A 168 -14.30 4.45 -27.37
N GLY A 169 -13.87 3.54 -28.24
CA GLY A 169 -14.65 2.36 -28.56
C GLY A 169 -14.46 1.22 -27.58
N ASN A 170 -13.27 1.15 -26.98
CA ASN A 170 -12.94 0.10 -26.03
C ASN A 170 -13.40 0.41 -24.61
N SER A 171 -13.75 -0.62 -23.85
CA SER A 171 -14.10 -0.44 -22.44
C SER A 171 -12.84 -0.47 -21.57
N GLU A 172 -13.01 -0.25 -20.27
CA GLU A 172 -11.86 -0.19 -19.37
C GLU A 172 -11.32 -1.58 -19.07
N GLU A 173 -12.22 -2.54 -18.89
CA GLU A 173 -11.84 -3.92 -18.64
C GLU A 173 -11.09 -4.53 -19.82
N ASP A 174 -11.68 -4.42 -21.00
CA ASP A 174 -11.10 -4.97 -22.22
C ASP A 174 -9.66 -4.51 -22.45
N THR A 175 -9.39 -3.25 -22.12
CA THR A 175 -8.05 -2.71 -22.23
C THR A 175 -7.18 -3.20 -21.08
N ARG A 176 -7.73 -3.15 -19.87
CA ARG A 176 -6.97 -3.55 -18.70
C ARG A 176 -6.69 -5.04 -18.65
N LEU A 177 -7.67 -5.83 -19.09
CA LEU A 177 -7.50 -7.29 -19.15
C LEU A 177 -6.41 -7.65 -20.14
N PHE A 178 -6.34 -6.90 -21.24
CA PHE A 178 -5.35 -7.13 -22.27
C PHE A 178 -3.95 -6.78 -21.78
N ALA A 179 -3.81 -5.62 -21.15
CA ALA A 179 -2.52 -5.17 -20.65
C ALA A 179 -2.01 -6.07 -19.53
N ASP A 180 -2.89 -6.40 -18.58
CA ASP A 180 -2.55 -7.34 -17.52
C ASP A 180 -2.07 -8.68 -18.08
N THR A 181 -2.71 -9.13 -19.14
CA THR A 181 -2.37 -10.40 -19.79
C THR A 181 -0.97 -10.37 -20.38
N VAL A 182 -0.66 -9.31 -21.11
CA VAL A 182 0.67 -9.15 -21.73
C VAL A 182 1.73 -9.02 -20.64
N VAL A 183 1.47 -8.17 -19.66
CA VAL A 183 2.38 -7.94 -18.54
C VAL A 183 2.71 -9.24 -17.80
N ARG A 184 1.69 -10.05 -17.53
CA ARG A 184 1.90 -11.28 -16.77
C ARG A 184 2.67 -12.32 -17.58
N LEU A 185 2.37 -12.41 -18.88
CA LEU A 185 3.11 -13.30 -19.76
C LEU A 185 4.58 -12.87 -19.82
N ASN A 186 4.82 -11.57 -19.76
CA ASN A 186 6.17 -11.04 -19.70
C ASN A 186 6.87 -11.48 -18.42
N LEU A 187 6.17 -11.32 -17.30
CA LEU A 187 6.71 -11.66 -16.00
C LEU A 187 6.86 -13.17 -15.80
N GLN A 188 5.95 -13.95 -16.36
CA GLN A 188 6.04 -15.40 -16.27
C GLN A 188 7.25 -15.92 -17.06
N LYS A 189 7.55 -15.26 -18.18
CA LYS A 189 8.73 -15.61 -18.97
C LYS A 189 10.01 -15.23 -18.24
N LEU A 190 10.02 -14.03 -17.67
CA LEU A 190 11.14 -13.55 -16.85
C LEU A 190 11.42 -14.48 -15.67
N LYS A 191 10.35 -14.99 -15.07
CA LYS A 191 10.44 -15.96 -13.97
C LYS A 191 11.06 -17.26 -14.45
N SER A 192 10.49 -17.82 -15.51
CA SER A 192 10.95 -19.05 -16.12
C SER A 192 12.43 -18.96 -16.53
N LEU A 193 12.81 -17.81 -17.07
CA LEU A 193 14.18 -17.60 -17.51
C LEU A 193 15.14 -17.46 -16.33
N ALA A 194 14.83 -16.55 -15.41
CA ALA A 194 15.70 -16.30 -14.27
C ALA A 194 15.81 -17.51 -13.33
N GLU A 195 14.78 -18.35 -13.28
CA GLU A 195 14.81 -19.54 -12.42
C GLU A 195 15.69 -20.63 -13.03
N ALA A 196 15.65 -20.75 -14.35
CA ALA A 196 16.51 -21.70 -15.06
C ALA A 196 17.97 -21.27 -15.00
N ASN A 197 18.21 -19.96 -15.02
CA ASN A 197 19.55 -19.42 -14.91
C ASN A 197 20.09 -19.50 -13.49
N ALA A 198 19.19 -19.37 -12.50
CA ALA A 198 19.60 -19.45 -11.10
C ALA A 198 19.83 -20.88 -10.65
N THR A 199 19.31 -21.84 -11.43
CA THR A 199 19.48 -23.25 -11.13
C THR A 199 20.86 -23.77 -11.53
N SER A 200 21.32 -23.35 -12.71
CA SER A 200 22.56 -23.87 -13.29
C SER A 200 23.83 -23.28 -12.68
N ALA A 201 23.73 -22.06 -12.15
CA ALA A 201 24.90 -21.33 -11.67
C ALA A 201 25.56 -21.94 -10.42
N ALA A 202 24.76 -22.17 -9.37
CA ALA A 202 25.32 -22.70 -8.12
C ALA A 202 25.67 -24.19 -8.22
N VAL B 12 -1.09 15.93 -20.39
CA VAL B 12 -2.39 16.21 -19.78
C VAL B 12 -3.23 14.94 -19.71
N PRO B 13 -3.76 14.61 -18.51
CA PRO B 13 -4.61 13.43 -18.31
C PRO B 13 -5.83 13.43 -19.23
N ALA B 14 -6.07 12.30 -19.90
CA ALA B 14 -7.13 12.21 -20.88
C ALA B 14 -8.52 12.27 -20.25
N GLY B 15 -9.36 13.15 -20.79
CA GLY B 15 -10.74 13.26 -20.37
C GLY B 15 -10.98 14.24 -19.25
N LEU B 16 -9.90 14.79 -18.70
CA LEU B 16 -10.01 15.68 -17.55
C LEU B 16 -10.61 17.04 -17.95
N GLY B 17 -10.21 17.54 -19.11
CA GLY B 17 -10.84 18.73 -19.68
C GLY B 17 -10.15 20.07 -19.45
N LEU B 18 -8.87 20.06 -19.10
CA LEU B 18 -8.13 21.29 -18.84
C LEU B 18 -7.00 21.52 -19.86
N THR B 19 -6.69 22.79 -20.11
CA THR B 19 -5.62 23.13 -21.05
C THR B 19 -4.26 23.02 -20.36
N ALA B 20 -3.18 23.21 -21.12
CA ALA B 20 -1.81 23.07 -20.60
C ALA B 20 -1.49 24.15 -19.58
N ALA B 21 -2.11 25.31 -19.71
CA ALA B 21 -1.86 26.42 -18.80
C ALA B 21 -2.29 26.09 -17.37
N GLU B 22 -3.50 25.56 -17.25
CA GLU B 22 -4.07 25.25 -15.94
C GLU B 22 -3.42 24.03 -15.30
N TYR B 23 -3.17 23.00 -16.09
CA TYR B 23 -2.60 21.76 -15.56
C TYR B 23 -1.16 21.97 -15.09
N ALA B 24 -0.44 22.87 -15.74
CA ALA B 24 0.95 23.16 -15.38
C ALA B 24 1.09 23.72 -13.97
N GLU B 25 0.13 24.53 -13.57
CA GLU B 25 0.14 25.11 -12.22
C GLU B 25 -0.32 24.09 -11.18
N LEU B 26 -1.23 23.21 -11.59
CA LEU B 26 -1.84 22.25 -10.67
C LEU B 26 -1.06 20.94 -10.55
N GLN B 27 -0.07 20.73 -11.41
CA GLN B 27 0.66 19.47 -11.47
C GLN B 27 1.32 19.03 -10.14
N PRO B 28 2.01 19.94 -9.43
CA PRO B 28 2.59 19.47 -8.17
C PRO B 28 1.54 19.13 -7.12
N THR B 29 0.35 19.71 -7.21
CA THR B 29 -0.77 19.38 -6.33
C THR B 29 -1.25 17.96 -6.62
N VAL B 30 -1.34 17.63 -7.91
CA VAL B 30 -1.77 16.31 -8.34
C VAL B 30 -0.77 15.25 -7.92
N GLU B 31 0.48 15.44 -8.30
CA GLU B 31 1.56 14.50 -7.99
C GLU B 31 1.67 14.23 -6.48
N ALA B 32 1.44 15.25 -5.65
CA ALA B 32 1.52 15.07 -4.20
C ALA B 32 0.26 14.50 -3.53
N TYR B 33 -0.89 15.12 -3.79
CA TYR B 33 -2.15 14.74 -3.15
C TYR B 33 -3.00 13.67 -3.85
N HIS B 34 -3.04 13.68 -5.19
CA HIS B 34 -3.81 12.63 -5.87
C HIS B 34 -2.91 11.70 -6.68
N ARG B 35 -2.56 10.58 -6.07
CA ARG B 35 -1.83 9.52 -6.75
C ARG B 35 -2.13 8.23 -5.99
N TYR B 36 -2.33 7.13 -6.71
CA TYR B 36 -2.72 5.89 -6.06
C TYR B 36 -2.16 4.67 -6.75
N ALA B 37 -1.90 3.64 -5.96
CA ALA B 37 -1.55 2.32 -6.47
C ALA B 37 -2.84 1.53 -6.62
N VAL B 38 -3.05 0.95 -7.80
CA VAL B 38 -4.32 0.29 -8.09
C VAL B 38 -4.14 -1.19 -8.42
N GLY B 39 -4.72 -2.06 -7.59
CA GLY B 39 -4.70 -3.48 -7.83
C GLY B 39 -5.83 -3.89 -8.75
N PRO B 40 -5.76 -5.11 -9.31
CA PRO B 40 -6.78 -5.63 -10.24
C PRO B 40 -8.20 -5.70 -9.64
N GLY B 41 -8.31 -5.64 -8.33
CA GLY B 41 -9.60 -5.62 -7.66
C GLY B 41 -9.97 -4.21 -7.21
N GLN B 42 -9.36 -3.22 -7.85
CA GLN B 42 -9.58 -1.82 -7.50
C GLN B 42 -9.60 -0.93 -8.74
N CYS B 43 -10.08 0.30 -8.57
CA CYS B 43 -10.01 1.30 -9.62
C CYS B 43 -9.86 2.69 -8.98
N SER B 44 -9.27 3.62 -9.72
CA SER B 44 -9.11 4.99 -9.24
C SER B 44 -9.47 5.99 -10.32
N SER B 45 -9.70 7.24 -9.91
CA SER B 45 -10.04 8.30 -10.85
C SER B 45 -9.71 9.66 -10.28
N LEU B 46 -9.63 10.66 -11.17
CA LEU B 46 -9.41 12.04 -10.79
C LEU B 46 -10.28 12.93 -11.67
N VAL B 47 -10.95 13.89 -11.07
CA VAL B 47 -11.77 14.83 -11.83
C VAL B 47 -11.48 16.27 -11.42
N ALA B 48 -11.78 17.21 -12.31
CA ALA B 48 -11.57 18.63 -12.04
C ALA B 48 -12.85 19.40 -12.27
N GLN B 49 -13.06 20.43 -11.44
CA GLN B 49 -14.21 21.32 -11.59
C GLN B 49 -13.75 22.78 -11.48
N ARG B 50 -14.12 23.60 -12.45
CA ARG B 50 -13.82 25.03 -12.39
C ARG B 50 -14.92 25.76 -11.63
N ILE B 51 -14.53 26.51 -10.61
CA ILE B 51 -15.46 27.31 -9.85
C ILE B 51 -15.02 28.76 -9.84
N GLU B 52 -15.94 29.69 -10.06
CA GLU B 52 -15.59 31.10 -10.03
C GLU B 52 -15.95 31.69 -8.67
N ALA B 53 -14.95 31.79 -7.82
CA ALA B 53 -15.12 32.20 -6.42
C ALA B 53 -13.74 32.22 -5.75
N PRO B 54 -13.60 33.01 -4.67
CA PRO B 54 -12.30 33.01 -3.99
C PRO B 54 -11.97 31.64 -3.40
N ALA B 55 -10.69 31.30 -3.36
CA ALA B 55 -10.23 30.00 -2.88
C ALA B 55 -10.65 29.75 -1.44
N ALA B 56 -10.67 30.82 -0.65
CA ALA B 56 -11.06 30.73 0.76
C ALA B 56 -12.54 30.32 0.90
N ALA B 57 -13.37 30.76 -0.04
CA ALA B 57 -14.80 30.46 0.01
C ALA B 57 -15.07 28.99 -0.27
N VAL B 58 -14.47 28.47 -1.34
CA VAL B 58 -14.69 27.08 -1.74
C VAL B 58 -14.15 26.12 -0.68
N TRP B 59 -12.92 26.36 -0.24
CA TRP B 59 -12.28 25.51 0.76
C TRP B 59 -13.05 25.51 2.09
N ALA B 60 -13.61 26.65 2.45
CA ALA B 60 -14.36 26.77 3.70
C ALA B 60 -15.59 25.88 3.73
N ILE B 61 -16.11 25.56 2.55
CA ILE B 61 -17.19 24.59 2.42
C ILE B 61 -16.69 23.16 2.51
N VAL B 62 -15.62 22.88 1.77
CA VAL B 62 -15.07 21.53 1.67
C VAL B 62 -14.46 21.06 3.00
N ARG B 63 -13.86 21.99 3.73
CA ARG B 63 -13.12 21.64 4.93
C ARG B 63 -14.01 21.19 6.08
N ARG B 64 -15.32 21.43 5.97
CA ARG B 64 -16.23 21.09 7.05
C ARG B 64 -16.64 19.62 6.96
N PHE B 65 -16.20 18.86 7.95
CA PHE B 65 -16.45 17.42 8.01
C PHE B 65 -17.85 17.15 8.57
N ASP B 66 -18.40 18.14 9.26
CA ASP B 66 -19.69 17.99 9.92
C ASP B 66 -20.87 18.34 9.01
N CYS B 67 -20.57 18.87 7.82
CA CYS B 67 -21.62 19.30 6.91
C CYS B 67 -21.48 18.75 5.48
N PRO B 68 -21.70 17.43 5.31
CA PRO B 68 -21.70 16.85 3.97
C PRO B 68 -22.89 17.32 3.16
N GLN B 69 -24.04 17.49 3.83
CA GLN B 69 -25.30 17.77 3.16
C GLN B 69 -25.32 19.10 2.41
N VAL B 70 -24.36 19.96 2.68
CA VAL B 70 -24.29 21.26 2.01
C VAL B 70 -24.08 21.10 0.49
N TYR B 71 -22.97 20.49 0.09
CA TYR B 71 -22.73 20.27 -1.35
C TYR B 71 -22.95 18.83 -1.87
N LYS B 72 -23.29 17.89 -0.99
CA LYS B 72 -23.51 16.50 -1.43
C LYS B 72 -25.00 16.18 -1.49
N HIS B 73 -25.47 15.76 -2.66
CA HIS B 73 -26.90 15.65 -2.91
C HIS B 73 -27.57 14.46 -2.23
N PHE B 74 -26.88 13.33 -2.13
CA PHE B 74 -27.50 12.09 -1.67
C PHE B 74 -27.40 11.84 -0.16
N ILE B 75 -26.89 12.82 0.58
CA ILE B 75 -26.76 12.68 2.03
C ILE B 75 -27.80 13.50 2.82
N ARG B 76 -28.68 12.81 3.54
CA ARG B 76 -29.76 13.49 4.29
C ARG B 76 -29.29 14.16 5.58
N SER B 77 -28.53 13.44 6.40
CA SER B 77 -28.06 13.97 7.68
C SER B 77 -26.69 13.42 8.03
N CYS B 78 -26.00 14.12 8.92
CA CYS B 78 -24.65 13.74 9.34
C CYS B 78 -24.55 13.68 10.86
N ALA B 79 -24.10 12.55 11.37
CA ALA B 79 -23.86 12.37 12.80
C ALA B 79 -22.40 12.03 13.02
N LEU B 80 -21.73 12.77 13.89
CA LEU B 80 -20.35 12.45 14.20
C LEU B 80 -20.23 12.00 15.65
N ARG B 81 -19.42 10.97 15.88
CA ARG B 81 -19.22 10.45 17.23
C ARG B 81 -18.45 11.47 18.07
N PRO B 82 -18.81 11.60 19.36
CA PRO B 82 -18.07 12.55 20.21
C PRO B 82 -16.63 12.09 20.45
N ASP B 83 -15.72 13.05 20.52
CA ASP B 83 -14.30 12.79 20.77
C ASP B 83 -13.96 13.24 22.20
N PRO B 84 -13.33 12.35 23.01
CA PRO B 84 -12.98 12.76 24.37
C PRO B 84 -12.01 13.94 24.44
N ASP B 85 -11.01 13.98 23.56
CA ASP B 85 -10.00 15.04 23.58
C ASP B 85 -10.60 16.40 23.23
N ALA B 86 -11.48 16.43 22.25
CA ALA B 86 -12.09 17.68 21.78
C ALA B 86 -13.54 17.49 21.38
N GLY B 87 -14.41 18.41 21.79
CA GLY B 87 -15.80 18.33 21.40
C GLY B 87 -16.14 18.64 19.96
N ASP B 88 -15.84 19.87 19.54
CA ASP B 88 -16.13 20.31 18.17
C ASP B 88 -14.96 20.52 17.20
N GLU B 89 -13.72 20.34 17.64
CA GLU B 89 -12.58 20.57 16.75
C GLU B 89 -12.50 19.44 15.73
N LEU B 90 -11.92 19.72 14.57
CA LEU B 90 -11.75 18.71 13.53
C LEU B 90 -10.29 18.23 13.46
N ARG B 91 -10.10 16.94 13.72
CA ARG B 91 -8.79 16.31 13.68
C ARG B 91 -8.88 15.01 12.90
N PRO B 92 -7.78 14.58 12.26
CA PRO B 92 -7.84 13.29 11.58
C PRO B 92 -8.21 12.17 12.55
N GLY B 93 -9.11 11.29 12.13
CA GLY B 93 -9.56 10.21 12.99
C GLY B 93 -10.99 10.32 13.48
N ARG B 94 -11.63 11.45 13.21
CA ARG B 94 -13.04 11.62 13.56
C ARG B 94 -13.93 10.80 12.63
N LEU B 95 -14.88 10.08 13.21
CA LEU B 95 -15.78 9.25 12.42
C LEU B 95 -17.19 9.83 12.37
N ARG B 96 -17.69 10.05 11.16
CA ARG B 96 -19.05 10.55 10.97
C ARG B 96 -19.95 9.46 10.38
N GLU B 97 -21.22 9.48 10.79
CA GLU B 97 -22.22 8.60 10.22
C GLU B 97 -23.20 9.40 9.37
N VAL B 98 -23.17 9.16 8.07
CA VAL B 98 -24.04 9.89 7.16
C VAL B 98 -25.20 9.03 6.68
N SER B 99 -26.42 9.55 6.83
CA SER B 99 -27.60 8.87 6.30
C SER B 99 -27.66 9.10 4.80
N VAL B 100 -28.03 8.06 4.06
CA VAL B 100 -28.01 8.10 2.61
C VAL B 100 -29.42 7.86 2.07
N ILE B 101 -29.68 8.34 0.86
CA ILE B 101 -30.93 7.99 0.21
C ILE B 101 -30.64 6.92 -0.85
N SER B 102 -30.91 5.67 -0.50
CA SER B 102 -30.76 4.55 -1.42
C SER B 102 -32.11 4.08 -1.96
N GLY B 103 -33.17 4.69 -1.44
CA GLY B 103 -34.49 4.12 -1.57
C GLY B 103 -34.70 3.05 -0.49
N LEU B 104 -33.81 3.04 0.50
CA LEU B 104 -33.91 2.14 1.65
C LEU B 104 -33.68 2.91 2.95
N PRO B 105 -34.44 2.58 4.01
CA PRO B 105 -34.42 3.38 5.23
C PRO B 105 -33.15 3.29 6.06
N ALA B 106 -32.56 2.09 6.15
CA ALA B 106 -31.47 1.82 7.07
C ALA B 106 -30.10 2.09 6.44
N SER B 107 -30.11 2.60 5.21
CA SER B 107 -28.87 2.86 4.51
C SER B 107 -28.06 3.95 5.22
N THR B 108 -26.84 3.61 5.59
CA THR B 108 -25.96 4.52 6.31
C THR B 108 -24.49 4.19 6.02
N SER B 109 -23.64 5.21 6.06
CA SER B 109 -22.21 5.04 5.79
C SER B 109 -21.37 5.64 6.91
N THR B 110 -20.30 4.95 7.29
CA THR B 110 -19.38 5.46 8.32
C THR B 110 -18.08 5.92 7.67
N GLU B 111 -17.81 7.21 7.74
CA GLU B 111 -16.64 7.78 7.10
C GLU B 111 -15.69 8.38 8.13
N ARG B 112 -14.40 8.12 7.94
CA ARG B 112 -13.37 8.57 8.86
C ARG B 112 -12.45 9.59 8.21
N LEU B 113 -12.20 10.69 8.92
CA LEU B 113 -11.36 11.77 8.44
C LEU B 113 -9.89 11.34 8.35
N ASP B 114 -9.27 11.58 7.20
CA ASP B 114 -7.87 11.21 6.95
C ASP B 114 -6.94 12.41 7.00
N LEU B 115 -7.20 13.35 6.10
CA LEU B 115 -6.33 14.50 5.91
C LEU B 115 -7.08 15.83 5.99
N LEU B 116 -6.57 16.75 6.80
CA LEU B 116 -7.07 18.11 6.83
C LEU B 116 -5.90 19.10 6.87
N ASP B 117 -5.75 19.88 5.81
CA ASP B 117 -4.61 20.79 5.70
C ASP B 117 -5.11 22.20 5.42
N ASP B 118 -4.90 23.11 6.37
CA ASP B 118 -5.42 24.46 6.26
C ASP B 118 -4.55 25.34 5.36
N ALA B 119 -3.23 25.19 5.49
CA ALA B 119 -2.29 26.00 4.72
C ALA B 119 -2.26 25.60 3.25
N ARG B 120 -2.27 24.29 3.00
CA ARG B 120 -2.16 23.78 1.64
C ARG B 120 -3.52 23.45 1.02
N ARG B 121 -4.59 23.66 1.79
CA ARG B 121 -5.97 23.48 1.34
C ARG B 121 -6.21 22.08 0.77
N ALA B 122 -6.06 21.08 1.62
CA ALA B 122 -6.23 19.68 1.22
C ALA B 122 -7.10 18.92 2.22
N PHE B 123 -8.12 18.24 1.70
CA PHE B 123 -9.07 17.51 2.53
C PHE B 123 -9.10 16.06 2.10
N GLY B 124 -9.35 15.16 3.05
CA GLY B 124 -9.46 13.75 2.72
C GLY B 124 -10.23 12.92 3.75
N PHE B 125 -10.82 11.82 3.28
CA PHE B 125 -11.56 10.91 4.15
C PHE B 125 -11.63 9.52 3.54
N THR B 126 -11.96 8.54 4.38
CA THR B 126 -12.11 7.17 3.92
C THR B 126 -13.33 6.53 4.57
N ILE B 127 -13.85 5.48 3.94
CA ILE B 127 -15.03 4.81 4.46
C ILE B 127 -14.66 3.55 5.22
N THR B 128 -14.82 3.60 6.54
CA THR B 128 -14.47 2.49 7.42
C THR B 128 -15.45 1.33 7.30
N GLY B 129 -16.73 1.67 7.18
CA GLY B 129 -17.77 0.66 7.08
C GLY B 129 -19.13 1.22 6.71
N GLY B 130 -20.03 0.34 6.30
CA GLY B 130 -21.39 0.73 5.95
C GLY B 130 -21.97 -0.22 4.92
N GLU B 131 -23.23 0.01 4.54
CA GLU B 131 -23.85 -0.82 3.51
C GLU B 131 -23.89 -0.06 2.19
N HIS B 132 -22.97 -0.41 1.30
CA HIS B 132 -22.85 0.24 0.00
C HIS B 132 -21.98 -0.57 -0.95
N ARG B 133 -22.01 -0.23 -2.23
CA ARG B 133 -21.21 -0.91 -3.25
C ARG B 133 -19.78 -0.39 -3.35
N LEU B 134 -19.40 0.57 -2.49
CA LEU B 134 -18.03 1.05 -2.49
C LEU B 134 -17.27 0.69 -1.22
N ALA B 135 -16.43 -0.34 -1.32
CA ALA B 135 -15.68 -0.82 -0.16
C ALA B 135 -14.27 -0.22 -0.17
N ASN B 136 -13.79 0.13 1.01
CA ASN B 136 -12.47 0.75 1.17
C ASN B 136 -12.30 1.98 0.28
N TYR B 137 -13.34 2.82 0.24
CA TYR B 137 -13.29 4.06 -0.52
C TYR B 137 -12.47 5.10 0.22
N ARG B 138 -11.44 5.62 -0.43
CA ARG B 138 -10.58 6.65 0.13
C ARG B 138 -10.53 7.83 -0.83
N SER B 139 -10.66 9.04 -0.32
CA SER B 139 -10.79 10.22 -1.18
C SER B 139 -9.94 11.39 -0.72
N VAL B 140 -9.37 12.12 -1.68
CA VAL B 140 -8.58 13.31 -1.41
C VAL B 140 -9.05 14.48 -2.27
N THR B 141 -9.42 15.57 -1.60
CA THR B 141 -9.89 16.78 -2.29
C THR B 141 -8.97 17.95 -2.00
N THR B 142 -8.61 18.70 -3.04
CA THR B 142 -7.73 19.87 -2.91
C THR B 142 -8.30 21.09 -3.61
N VAL B 143 -8.33 22.22 -2.91
CA VAL B 143 -8.79 23.48 -3.48
C VAL B 143 -7.58 24.35 -3.83
N SER B 144 -7.47 24.72 -5.10
CA SER B 144 -6.33 25.51 -5.54
C SER B 144 -6.73 26.71 -6.41
N GLU B 145 -6.17 27.86 -6.09
CA GLU B 145 -6.43 29.09 -6.83
C GLU B 145 -5.40 29.29 -7.92
N LEU B 146 -5.88 29.58 -9.13
CA LEU B 146 -5.01 29.83 -10.26
C LEU B 146 -4.91 31.30 -10.56
N ALA B 147 -3.69 31.81 -10.65
CA ALA B 147 -3.48 33.19 -11.05
C ALA B 147 -2.83 33.21 -12.41
N PRO B 148 -3.60 33.51 -13.46
CA PRO B 148 -2.98 33.61 -14.79
C PRO B 148 -2.12 34.86 -14.83
N ALA B 149 -1.07 34.85 -15.64
CA ALA B 149 -0.22 36.03 -15.79
C ALA B 149 -1.06 37.20 -16.25
N ALA B 150 -1.98 36.92 -17.18
CA ALA B 150 -2.97 37.90 -17.61
C ALA B 150 -3.97 38.13 -16.48
N PRO B 151 -4.36 39.39 -16.26
CA PRO B 151 -5.34 39.69 -15.22
C PRO B 151 -6.75 39.28 -15.66
N ALA B 152 -6.94 37.99 -15.91
CA ALA B 152 -8.24 37.47 -16.32
C ALA B 152 -9.10 37.24 -15.09
N LYS B 153 -10.35 36.86 -15.31
CA LYS B 153 -11.26 36.56 -14.20
C LYS B 153 -10.69 35.38 -13.41
N ILE B 154 -10.79 35.46 -12.09
CA ILE B 154 -10.16 34.46 -11.22
C ILE B 154 -10.84 33.10 -11.32
N CYS B 155 -10.02 32.05 -11.37
CA CYS B 155 -10.50 30.67 -11.45
C CYS B 155 -9.94 29.85 -10.29
N THR B 156 -10.84 29.19 -9.57
CA THR B 156 -10.47 28.32 -8.46
C THR B 156 -10.81 26.87 -8.80
N VAL B 157 -9.78 26.04 -8.95
CA VAL B 157 -9.98 24.65 -9.37
C VAL B 157 -10.03 23.69 -8.17
N VAL B 158 -11.11 22.93 -8.10
CA VAL B 158 -11.23 21.86 -7.11
C VAL B 158 -10.84 20.53 -7.74
N LEU B 159 -9.81 19.90 -7.19
CA LEU B 159 -9.39 18.58 -7.63
C LEU B 159 -9.81 17.52 -6.62
N GLU B 160 -10.51 16.49 -7.09
CA GLU B 160 -10.90 15.39 -6.22
C GLU B 160 -10.56 14.04 -6.86
N SER B 161 -10.01 13.14 -6.05
CA SER B 161 -9.63 11.82 -6.53
C SER B 161 -10.00 10.76 -5.51
N TYR B 162 -10.04 9.50 -5.95
CA TYR B 162 -10.33 8.41 -5.03
C TYR B 162 -9.70 7.08 -5.44
N VAL B 163 -9.86 6.07 -4.59
CA VAL B 163 -9.52 4.69 -4.91
C VAL B 163 -10.53 3.78 -4.20
N VAL B 164 -11.03 2.78 -4.90
CA VAL B 164 -12.14 1.97 -4.37
C VAL B 164 -12.05 0.51 -4.81
N ASP B 165 -12.55 -0.38 -3.96
CA ASP B 165 -12.60 -1.80 -4.27
C ASP B 165 -13.78 -2.12 -5.20
N VAL B 166 -13.47 -2.71 -6.34
CA VAL B 166 -14.50 -3.20 -7.25
C VAL B 166 -15.02 -4.56 -6.76
N PRO B 167 -16.33 -4.67 -6.52
CA PRO B 167 -16.96 -5.92 -6.05
C PRO B 167 -16.69 -7.10 -6.98
N GLU B 168 -16.81 -8.32 -6.45
CA GLU B 168 -16.47 -9.53 -7.18
C GLU B 168 -17.27 -9.68 -8.47
N GLY B 169 -18.59 -9.68 -8.36
CA GLY B 169 -19.44 -9.85 -9.52
C GLY B 169 -19.53 -8.62 -10.40
N ASN B 170 -19.10 -7.48 -9.86
CA ASN B 170 -19.21 -6.20 -10.55
C ASN B 170 -18.06 -5.93 -11.53
N SER B 171 -18.40 -5.27 -12.63
CA SER B 171 -17.41 -4.82 -13.62
C SER B 171 -16.67 -3.60 -13.10
N GLU B 172 -15.47 -3.36 -13.63
CA GLU B 172 -14.66 -2.20 -13.24
C GLU B 172 -15.32 -0.89 -13.70
N GLU B 173 -15.96 -0.92 -14.85
CA GLU B 173 -16.65 0.26 -15.38
C GLU B 173 -17.79 0.70 -14.46
N ASP B 174 -18.64 -0.25 -14.09
CA ASP B 174 -19.84 0.06 -13.30
C ASP B 174 -19.53 0.64 -11.93
N THR B 175 -18.39 0.25 -11.36
CA THR B 175 -17.99 0.81 -10.07
C THR B 175 -17.45 2.23 -10.24
N ARG B 176 -16.56 2.40 -11.20
CA ARG B 176 -15.91 3.70 -11.43
C ARG B 176 -16.89 4.74 -11.98
N LEU B 177 -17.70 4.34 -12.95
CA LEU B 177 -18.67 5.24 -13.56
C LEU B 177 -19.68 5.73 -12.54
N PHE B 178 -19.94 4.89 -11.53
CA PHE B 178 -20.85 5.26 -10.45
C PHE B 178 -20.22 6.31 -9.53
N ALA B 179 -19.01 6.02 -9.07
CA ALA B 179 -18.29 6.94 -8.17
C ALA B 179 -17.95 8.26 -8.86
N ASP B 180 -17.57 8.21 -10.13
CA ASP B 180 -17.29 9.41 -10.92
C ASP B 180 -18.52 10.30 -11.06
N THR B 181 -19.68 9.66 -11.22
CA THR B 181 -20.95 10.37 -11.37
C THR B 181 -21.29 11.13 -10.09
N VAL B 182 -21.19 10.45 -8.96
CA VAL B 182 -21.53 11.05 -7.67
C VAL B 182 -20.57 12.18 -7.31
N VAL B 183 -19.28 11.96 -7.53
CA VAL B 183 -18.27 12.97 -7.25
C VAL B 183 -18.51 14.22 -8.10
N ARG B 184 -18.74 14.02 -9.40
CA ARG B 184 -18.99 15.13 -10.31
C ARG B 184 -20.27 15.89 -9.95
N LEU B 185 -21.28 15.15 -9.50
CA LEU B 185 -22.54 15.75 -9.07
C LEU B 185 -22.35 16.61 -7.83
N ASN B 186 -21.50 16.15 -6.92
CA ASN B 186 -21.18 16.88 -5.71
C ASN B 186 -20.38 18.14 -5.99
N LEU B 187 -19.52 18.09 -7.00
CA LEU B 187 -18.68 19.24 -7.35
C LEU B 187 -19.45 20.30 -8.15
N GLN B 188 -20.50 19.89 -8.84
CA GLN B 188 -21.37 20.84 -9.54
C GLN B 188 -22.23 21.60 -8.54
N LYS B 189 -22.58 20.95 -7.43
CA LYS B 189 -23.30 21.61 -6.36
C LYS B 189 -22.37 22.48 -5.54
N LEU B 190 -21.11 22.05 -5.41
CA LEU B 190 -20.09 22.85 -4.77
C LEU B 190 -19.82 24.12 -5.58
N LYS B 191 -19.85 23.97 -6.91
CA LYS B 191 -19.70 25.09 -7.82
C LYS B 191 -20.88 26.06 -7.69
N SER B 192 -22.08 25.51 -7.61
CA SER B 192 -23.31 26.29 -7.52
C SER B 192 -23.36 27.14 -6.24
N LEU B 193 -22.98 26.54 -5.12
CA LEU B 193 -23.03 27.24 -3.84
C LEU B 193 -21.86 28.21 -3.66
N ALA B 194 -20.68 27.85 -4.15
CA ALA B 194 -19.52 28.72 -4.00
C ALA B 194 -19.64 29.97 -4.86
N GLU B 195 -20.25 29.83 -6.04
CA GLU B 195 -20.47 30.96 -6.93
C GLU B 195 -21.62 31.86 -6.45
N ALA B 196 -22.63 31.25 -5.84
CA ALA B 196 -23.79 31.99 -5.33
C ALA B 196 -23.44 32.84 -4.11
N ASN B 197 -22.49 32.37 -3.31
CA ASN B 197 -22.02 33.14 -2.16
C ASN B 197 -21.22 34.33 -2.65
N ALA B 198 -20.40 34.08 -3.68
CA ALA B 198 -19.55 35.10 -4.28
C ALA B 198 -20.38 36.17 -4.98
N THR B 199 -21.43 35.74 -5.68
CA THR B 199 -22.31 36.68 -6.37
C THR B 199 -22.98 37.61 -5.36
N SER B 200 -23.32 37.06 -4.20
CA SER B 200 -23.93 37.84 -3.13
C SER B 200 -22.91 38.73 -2.43
N ALA B 201 -21.77 38.13 -2.05
CA ALA B 201 -20.71 38.87 -1.35
C ALA B 201 -20.11 39.94 -2.25
N ALA B 202 -19.94 39.61 -3.53
CA ALA B 202 -19.37 40.55 -4.49
C ALA B 202 -20.16 40.53 -5.79
N VAL C 12 21.54 -27.95 14.98
CA VAL C 12 21.38 -26.63 15.56
C VAL C 12 22.02 -25.54 14.68
N PRO C 13 21.20 -24.80 13.91
CA PRO C 13 21.74 -23.62 13.25
C PRO C 13 22.21 -22.63 14.32
N ALA C 14 23.45 -22.17 14.22
CA ALA C 14 24.06 -21.44 15.32
C ALA C 14 23.28 -20.17 15.65
N GLY C 15 22.83 -20.09 16.90
CA GLY C 15 22.05 -18.97 17.39
C GLY C 15 20.55 -19.20 17.55
N LEU C 16 19.99 -20.14 16.79
CA LEU C 16 18.54 -20.37 16.85
C LEU C 16 18.10 -21.23 18.04
N GLY C 17 18.76 -22.37 18.24
CA GLY C 17 18.42 -23.27 19.33
C GLY C 17 17.50 -24.42 18.97
N LEU C 18 17.29 -24.63 17.67
CA LEU C 18 16.41 -25.70 17.19
C LEU C 18 17.23 -26.79 16.52
N THR C 19 16.75 -28.03 16.53
CA THR C 19 17.45 -29.09 15.81
C THR C 19 17.22 -28.94 14.31
N ALA C 20 17.88 -29.77 13.51
CA ALA C 20 17.79 -29.65 12.06
C ALA C 20 16.44 -30.12 11.56
N ALA C 21 15.95 -31.21 12.13
CA ALA C 21 14.64 -31.76 11.78
C ALA C 21 13.52 -30.81 12.16
N GLU C 22 13.65 -30.20 13.35
CA GLU C 22 12.64 -29.27 13.84
C GLU C 22 12.57 -28.02 12.99
N TYR C 23 13.72 -27.47 12.63
CA TYR C 23 13.74 -26.26 11.81
C TYR C 23 13.17 -26.54 10.42
N ALA C 24 13.38 -27.75 9.93
CA ALA C 24 12.88 -28.14 8.61
C ALA C 24 11.35 -28.02 8.54
N GLU C 25 10.68 -28.35 9.64
CA GLU C 25 9.22 -28.23 9.71
C GLU C 25 8.80 -26.77 9.71
N LEU C 26 9.58 -25.95 10.40
CA LEU C 26 9.25 -24.53 10.58
C LEU C 26 9.68 -23.66 9.40
N GLN C 27 10.45 -24.23 8.48
CA GLN C 27 11.00 -23.43 7.39
C GLN C 27 9.93 -22.86 6.44
N PRO C 28 8.89 -23.65 6.10
CA PRO C 28 7.84 -22.99 5.30
C PRO C 28 7.11 -21.87 6.06
N THR C 29 7.03 -21.96 7.38
CA THR C 29 6.48 -20.87 8.18
C THR C 29 7.39 -19.64 8.09
N VAL C 30 8.70 -19.87 8.06
CA VAL C 30 9.68 -18.80 7.89
C VAL C 30 9.58 -18.18 6.48
N GLU C 31 9.46 -19.03 5.47
CA GLU C 31 9.33 -18.59 4.08
C GLU C 31 8.14 -17.65 3.84
N ALA C 32 7.09 -17.79 4.64
CA ALA C 32 5.87 -17.01 4.45
C ALA C 32 5.80 -15.77 5.33
N TYR C 33 5.80 -15.96 6.63
CA TYR C 33 5.63 -14.87 7.58
C TYR C 33 6.88 -14.07 7.99
N HIS C 34 8.05 -14.70 7.99
CA HIS C 34 9.24 -13.93 8.36
C HIS C 34 10.14 -13.66 7.16
N ARG C 35 9.95 -12.47 6.59
CA ARG C 35 10.74 -11.99 5.47
C ARG C 35 10.66 -10.48 5.48
N TYR C 36 11.75 -9.83 5.10
CA TYR C 36 11.82 -8.37 5.18
C TYR C 36 12.61 -7.78 4.03
N ALA C 37 12.30 -6.54 3.70
CA ALA C 37 13.15 -5.78 2.80
C ALA C 37 14.12 -4.97 3.66
N VAL C 38 15.38 -5.37 3.64
CA VAL C 38 16.41 -4.73 4.46
C VAL C 38 17.23 -3.76 3.61
N GLY C 39 17.17 -2.49 3.96
CA GLY C 39 17.83 -1.47 3.16
C GLY C 39 19.09 -0.90 3.77
N PRO C 40 19.47 0.31 3.34
CA PRO C 40 20.67 1.05 3.77
C PRO C 40 20.56 1.59 5.19
N GLY C 41 20.94 0.79 6.18
CA GLY C 41 20.80 1.20 7.56
C GLY C 41 19.68 0.52 8.31
N GLN C 42 19.18 -0.58 7.75
CA GLN C 42 18.20 -1.41 8.44
C GLN C 42 18.82 -2.75 8.80
N CYS C 43 18.28 -3.39 9.83
CA CYS C 43 18.73 -4.72 10.21
C CYS C 43 17.54 -5.60 10.59
N SER C 44 17.68 -6.90 10.36
CA SER C 44 16.64 -7.86 10.71
C SER C 44 17.23 -9.02 11.49
N SER C 45 16.39 -9.70 12.26
CA SER C 45 16.82 -10.82 13.07
C SER C 45 15.64 -11.73 13.40
N LEU C 46 15.92 -12.94 13.84
CA LEU C 46 14.90 -13.87 14.28
C LEU C 46 15.26 -14.48 15.63
N VAL C 47 14.26 -14.66 16.49
CA VAL C 47 14.46 -15.30 17.78
C VAL C 47 13.49 -16.45 17.92
N ALA C 48 13.98 -17.59 18.40
CA ALA C 48 13.15 -18.76 18.57
C ALA C 48 13.01 -19.10 20.05
N GLN C 49 11.83 -19.56 20.45
CA GLN C 49 11.59 -19.95 21.83
C GLN C 49 10.78 -21.24 21.88
N ARG C 50 11.33 -22.25 22.53
CA ARG C 50 10.63 -23.51 22.70
C ARG C 50 9.78 -23.47 23.97
N ILE C 51 8.53 -23.89 23.86
CA ILE C 51 7.60 -23.91 24.98
C ILE C 51 6.96 -25.28 25.13
N GLU C 52 6.85 -25.78 26.36
CA GLU C 52 6.31 -27.11 26.54
C GLU C 52 4.85 -27.03 26.94
N ALA C 53 3.98 -27.08 25.93
CA ALA C 53 2.54 -26.89 26.09
C ALA C 53 1.88 -26.86 24.72
N PRO C 54 0.59 -27.21 24.66
CA PRO C 54 -0.12 -27.04 23.39
C PRO C 54 -0.13 -25.57 22.96
N ALA C 55 -0.06 -25.32 21.66
CA ALA C 55 0.12 -23.98 21.12
C ALA C 55 -1.00 -23.01 21.49
N ALA C 56 -2.19 -23.54 21.77
CA ALA C 56 -3.35 -22.73 22.10
C ALA C 56 -3.11 -21.81 23.30
N ALA C 57 -2.46 -22.35 24.32
CA ALA C 57 -2.13 -21.60 25.53
C ALA C 57 -1.18 -20.45 25.23
N VAL C 58 -0.25 -20.67 24.30
CA VAL C 58 0.71 -19.65 23.90
C VAL C 58 0.06 -18.58 23.03
N TRP C 59 -0.67 -19.04 22.01
CA TRP C 59 -1.28 -18.16 21.02
C TRP C 59 -2.36 -17.25 21.61
N ALA C 60 -3.08 -17.73 22.61
CA ALA C 60 -4.13 -16.95 23.24
C ALA C 60 -3.57 -15.70 23.89
N ILE C 61 -2.35 -15.80 24.39
CA ILE C 61 -1.65 -14.65 24.98
C ILE C 61 -1.09 -13.73 23.89
N VAL C 62 -0.46 -14.32 22.89
CA VAL C 62 0.16 -13.58 21.80
C VAL C 62 -0.84 -12.73 21.02
N ARG C 63 -2.00 -13.31 20.72
CA ARG C 63 -2.96 -12.68 19.83
C ARG C 63 -3.66 -11.46 20.43
N ARG C 64 -3.43 -11.18 21.71
CA ARG C 64 -4.11 -10.05 22.32
C ARG C 64 -3.29 -8.78 22.15
N PHE C 65 -3.79 -7.92 21.27
CA PHE C 65 -3.13 -6.70 20.87
C PHE C 65 -3.38 -5.61 21.91
N ASP C 66 -4.45 -5.78 22.68
CA ASP C 66 -4.83 -4.82 23.70
C ASP C 66 -4.25 -5.17 25.07
N CYS C 67 -3.59 -6.32 25.16
CA CYS C 67 -2.92 -6.71 26.40
C CYS C 67 -1.49 -7.23 26.20
N PRO C 68 -0.61 -6.38 25.63
CA PRO C 68 0.80 -6.77 25.49
C PRO C 68 1.57 -6.73 26.81
N GLN C 69 1.09 -5.96 27.78
CA GLN C 69 1.79 -5.79 29.04
C GLN C 69 1.85 -7.09 29.86
N VAL C 70 1.11 -8.10 29.39
CA VAL C 70 1.02 -9.37 30.09
C VAL C 70 2.31 -10.19 30.04
N TYR C 71 2.80 -10.49 28.84
CA TYR C 71 4.09 -11.17 28.72
C TYR C 71 5.29 -10.27 28.38
N LYS C 72 5.02 -9.02 27.98
CA LYS C 72 6.10 -8.10 27.67
C LYS C 72 6.51 -7.33 28.92
N HIS C 73 7.80 -7.38 29.23
CA HIS C 73 8.29 -6.90 30.52
C HIS C 73 8.24 -5.37 30.67
N PHE C 74 8.72 -4.66 29.66
CA PHE C 74 8.92 -3.22 29.76
C PHE C 74 7.69 -2.42 29.33
N ILE C 75 6.58 -3.10 29.08
CA ILE C 75 5.32 -2.42 28.76
C ILE C 75 4.42 -2.34 30.00
N ARG C 76 4.23 -1.14 30.54
CA ARG C 76 3.41 -0.95 31.74
C ARG C 76 1.90 -1.06 31.47
N SER C 77 1.41 -0.30 30.50
CA SER C 77 -0.02 -0.30 30.17
C SER C 77 -0.26 -0.10 28.68
N CYS C 78 -1.45 -0.44 28.22
CA CYS C 78 -1.79 -0.35 26.80
C CYS C 78 -3.22 0.14 26.59
N ALA C 79 -3.39 1.07 25.65
CA ALA C 79 -4.71 1.60 25.31
C ALA C 79 -4.89 1.62 23.80
N LEU C 80 -6.07 1.18 23.34
CA LEU C 80 -6.34 1.09 21.91
C LEU C 80 -6.90 2.38 21.31
N ARG C 81 -7.13 2.34 20.00
CA ARG C 81 -7.89 3.37 19.32
C ARG C 81 -9.36 2.98 19.40
N PRO C 82 -10.26 3.96 19.58
CA PRO C 82 -11.67 3.57 19.55
C PRO C 82 -12.24 3.34 18.13
N ASP C 83 -12.83 2.17 17.92
CA ASP C 83 -13.54 1.89 16.68
C ASP C 83 -15.02 1.85 16.96
N PRO C 84 -15.76 2.80 16.39
CA PRO C 84 -17.22 2.77 16.43
C PRO C 84 -17.78 1.52 15.73
N ASP C 85 -17.20 1.12 14.61
CA ASP C 85 -17.75 0.04 13.80
C ASP C 85 -17.55 -1.35 14.41
N ALA C 86 -16.32 -1.70 14.76
CA ALA C 86 -16.12 -2.94 15.49
C ALA C 86 -15.22 -2.76 16.71
N GLY C 87 -15.86 -2.62 17.87
CA GLY C 87 -15.14 -2.42 19.12
C GLY C 87 -14.68 -3.73 19.74
N ASP C 88 -15.52 -4.74 19.62
CA ASP C 88 -15.29 -6.03 20.27
C ASP C 88 -14.22 -6.86 19.56
N GLU C 89 -14.21 -6.82 18.23
CA GLU C 89 -13.29 -7.59 17.41
C GLU C 89 -11.99 -6.83 17.15
N LEU C 90 -10.86 -7.54 17.19
CA LEU C 90 -9.56 -6.90 16.99
C LEU C 90 -9.21 -6.92 15.52
N ARG C 91 -9.26 -5.73 14.91
CA ARG C 91 -9.05 -5.58 13.47
C ARG C 91 -7.60 -5.33 13.13
N PRO C 92 -7.15 -5.82 11.96
CA PRO C 92 -5.84 -5.38 11.48
C PRO C 92 -5.90 -3.91 11.05
N GLY C 93 -4.92 -3.12 11.46
CA GLY C 93 -4.92 -1.69 11.19
C GLY C 93 -5.27 -0.85 12.40
N ARG C 94 -5.63 -1.51 13.50
CA ARG C 94 -5.91 -0.82 14.76
C ARG C 94 -4.64 -0.26 15.38
N LEU C 95 -4.79 0.80 16.16
CA LEU C 95 -3.66 1.45 16.82
C LEU C 95 -3.70 1.23 18.32
N ARG C 96 -2.53 1.21 18.95
CA ARG C 96 -2.46 1.14 20.40
C ARG C 96 -1.34 2.05 20.90
N GLU C 97 -1.56 2.65 22.05
CA GLU C 97 -0.53 3.45 22.69
C GLU C 97 -0.05 2.72 23.94
N VAL C 98 1.17 2.21 23.88
CA VAL C 98 1.73 1.47 25.00
C VAL C 98 2.69 2.37 25.78
N SER C 99 2.54 2.37 27.11
CA SER C 99 3.45 3.13 27.95
C SER C 99 4.67 2.29 28.24
N VAL C 100 5.82 2.77 27.78
CA VAL C 100 7.08 2.04 27.91
C VAL C 100 7.74 2.34 29.25
N ILE C 101 8.38 1.34 29.85
CA ILE C 101 9.16 1.60 31.04
C ILE C 101 10.62 1.72 30.63
N SER C 102 11.06 2.97 30.43
CA SER C 102 12.44 3.25 30.07
C SER C 102 13.24 3.83 31.22
N GLY C 103 12.56 4.12 32.32
CA GLY C 103 13.11 5.00 33.34
C GLY C 103 12.90 6.47 32.94
N LEU C 104 12.25 6.68 31.80
CA LEU C 104 11.92 8.02 31.29
C LEU C 104 10.42 8.29 31.40
N PRO C 105 10.04 9.46 31.95
CA PRO C 105 8.65 9.81 32.25
C PRO C 105 7.69 9.80 31.05
N ALA C 106 8.11 10.36 29.93
CA ALA C 106 7.22 10.61 28.80
C ALA C 106 7.19 9.50 27.75
N SER C 107 7.86 8.38 28.03
CA SER C 107 7.96 7.28 27.07
C SER C 107 6.61 6.73 26.64
N THR C 108 6.35 6.75 25.34
CA THR C 108 5.13 6.18 24.77
C THR C 108 5.38 5.73 23.33
N SER C 109 4.66 4.69 22.91
CA SER C 109 4.81 4.17 21.55
C SER C 109 3.46 3.87 20.91
N THR C 110 3.26 4.43 19.73
CA THR C 110 2.06 4.14 18.94
C THR C 110 2.42 3.09 17.89
N GLU C 111 1.75 1.95 17.95
CA GLU C 111 2.01 0.86 17.03
C GLU C 111 0.72 0.28 16.45
N ARG C 112 0.81 -0.21 15.22
CA ARG C 112 -0.37 -0.66 14.47
C ARG C 112 -0.37 -2.16 14.22
N LEU C 113 -1.52 -2.80 14.39
CA LEU C 113 -1.60 -4.24 14.12
C LEU C 113 -1.60 -4.46 12.60
N ASP C 114 -0.58 -5.14 12.10
CA ASP C 114 -0.46 -5.42 10.68
C ASP C 114 -1.28 -6.63 10.24
N LEU C 115 -1.13 -7.73 10.97
CA LEU C 115 -1.85 -8.95 10.66
C LEU C 115 -2.19 -9.71 11.93
N LEU C 116 -3.42 -10.24 11.96
CA LEU C 116 -3.83 -11.16 13.00
C LEU C 116 -4.65 -12.29 12.38
N ASP C 117 -4.12 -13.51 12.46
CA ASP C 117 -4.77 -14.65 11.84
C ASP C 117 -4.83 -15.81 12.81
N ASP C 118 -6.04 -16.18 13.24
CA ASP C 118 -6.20 -17.26 14.21
C ASP C 118 -6.13 -18.64 13.55
N ALA C 119 -6.41 -18.68 12.25
CA ALA C 119 -6.38 -19.94 11.52
C ALA C 119 -4.95 -20.36 11.19
N ARG C 120 -4.10 -19.36 10.94
CA ARG C 120 -2.69 -19.60 10.66
C ARG C 120 -1.78 -19.32 11.86
N ARG C 121 -2.36 -18.85 12.97
CA ARG C 121 -1.60 -18.43 14.15
C ARG C 121 -0.41 -17.52 13.81
N ALA C 122 -0.68 -16.46 13.05
CA ALA C 122 0.34 -15.48 12.72
C ALA C 122 -0.05 -14.10 13.27
N PHE C 123 0.95 -13.35 13.73
CA PHE C 123 0.73 -12.07 14.40
C PHE C 123 1.83 -11.10 14.00
N GLY C 124 1.49 -9.81 13.92
CA GLY C 124 2.49 -8.80 13.57
C GLY C 124 2.04 -7.38 13.83
N PHE C 125 3.02 -6.48 13.99
CA PHE C 125 2.71 -5.07 14.22
C PHE C 125 3.87 -4.16 13.81
N THR C 126 3.55 -2.90 13.55
CA THR C 126 4.52 -1.89 13.14
C THR C 126 4.48 -0.69 14.07
N ILE C 127 5.65 -0.17 14.44
CA ILE C 127 5.71 1.03 15.24
C ILE C 127 5.77 2.25 14.33
N THR C 128 4.69 3.03 14.34
CA THR C 128 4.56 4.18 13.45
C THR C 128 5.32 5.39 13.99
N GLY C 129 5.31 5.58 15.30
CA GLY C 129 6.05 6.67 15.92
C GLY C 129 6.00 6.69 17.43
N GLY C 130 6.80 7.57 18.03
CA GLY C 130 6.86 7.75 19.47
C GLY C 130 8.26 8.13 19.91
N GLU C 131 8.47 8.14 21.22
CA GLU C 131 9.81 8.40 21.75
C GLU C 131 10.46 7.11 22.21
N HIS C 132 11.44 6.64 21.43
CA HIS C 132 12.11 5.38 21.72
C HIS C 132 13.38 5.19 20.88
N ARG C 133 14.11 4.12 21.16
CA ARG C 133 15.39 3.84 20.51
C ARG C 133 15.22 3.27 19.11
N LEU C 134 14.23 2.40 18.93
CA LEU C 134 14.03 1.68 17.67
C LEU C 134 13.03 2.36 16.74
N ALA C 135 13.52 2.90 15.63
CA ALA C 135 12.67 3.60 14.67
C ALA C 135 12.23 2.69 13.53
N ASN C 136 10.96 2.81 13.15
CA ASN C 136 10.37 1.99 12.08
C ASN C 136 10.55 0.49 12.32
N TYR C 137 10.20 0.06 13.51
CA TYR C 137 10.31 -1.34 13.91
C TYR C 137 9.05 -2.10 13.49
N ARG C 138 9.23 -3.08 12.61
CA ARG C 138 8.12 -3.94 12.20
C ARG C 138 8.40 -5.36 12.66
N SER C 139 7.43 -5.96 13.38
CA SER C 139 7.62 -7.27 13.98
C SER C 139 6.58 -8.27 13.48
N VAL C 140 6.96 -9.54 13.39
CA VAL C 140 6.03 -10.61 13.04
C VAL C 140 6.27 -11.80 13.97
N THR C 141 5.18 -12.40 14.45
CA THR C 141 5.26 -13.52 15.38
C THR C 141 4.37 -14.68 14.92
N THR C 142 4.95 -15.88 14.82
CA THR C 142 4.16 -17.09 14.56
C THR C 142 4.31 -18.09 15.69
N VAL C 143 3.21 -18.75 16.03
CA VAL C 143 3.22 -19.85 16.99
C VAL C 143 3.00 -21.16 16.25
N SER C 144 4.02 -22.02 16.24
CA SER C 144 3.93 -23.30 15.55
C SER C 144 3.95 -24.47 16.52
N GLU C 145 3.16 -25.49 16.23
CA GLU C 145 3.12 -26.68 17.06
C GLU C 145 3.89 -27.83 16.40
N LEU C 146 4.89 -28.35 17.11
CA LEU C 146 5.62 -29.53 16.66
C LEU C 146 4.96 -30.79 17.21
N ALA C 147 4.81 -31.80 16.36
CA ALA C 147 4.29 -33.09 16.81
C ALA C 147 5.45 -34.01 17.16
N PRO C 148 5.67 -34.24 18.46
CA PRO C 148 6.80 -35.03 18.98
C PRO C 148 6.51 -36.54 18.95
N ALA C 149 7.34 -37.31 19.64
CA ALA C 149 7.24 -38.77 19.63
C ALA C 149 5.98 -39.26 20.34
N ALA C 150 5.81 -40.58 20.36
CA ALA C 150 4.60 -41.18 20.92
C ALA C 150 4.37 -40.86 22.41
N PRO C 151 5.35 -41.13 23.29
CA PRO C 151 5.12 -40.81 24.70
C PRO C 151 5.23 -39.33 25.05
N ALA C 152 5.84 -38.53 24.17
CA ALA C 152 6.20 -37.14 24.48
C ALA C 152 5.01 -36.18 24.54
N LYS C 153 5.14 -35.16 25.39
CA LYS C 153 4.14 -34.11 25.49
C LYS C 153 4.23 -33.18 24.28
N ILE C 154 3.10 -32.62 23.88
CA ILE C 154 3.03 -31.71 22.76
C ILE C 154 3.84 -30.46 23.03
N CYS C 155 4.68 -30.09 22.07
CA CYS C 155 5.62 -28.99 22.22
C CYS C 155 5.29 -27.87 21.23
N THR C 156 5.72 -26.66 21.55
CA THR C 156 5.42 -25.49 20.74
C THR C 156 6.67 -24.64 20.55
N VAL C 157 6.85 -24.10 19.35
CA VAL C 157 7.94 -23.18 19.08
C VAL C 157 7.39 -21.86 18.58
N VAL C 158 7.77 -20.79 19.26
CA VAL C 158 7.41 -19.45 18.84
C VAL C 158 8.58 -18.83 18.08
N LEU C 159 8.29 -18.22 16.94
CA LEU C 159 9.29 -17.52 16.16
C LEU C 159 8.91 -16.06 16.06
N GLU C 160 9.83 -15.18 16.42
CA GLU C 160 9.57 -13.75 16.30
C GLU C 160 10.71 -13.08 15.56
N SER C 161 10.38 -12.44 14.44
CA SER C 161 11.37 -11.74 13.63
C SER C 161 10.96 -10.27 13.51
N TYR C 162 11.91 -9.45 13.08
CA TYR C 162 11.66 -8.02 12.98
C TYR C 162 12.60 -7.35 11.99
N VAL C 163 12.23 -6.14 11.57
CA VAL C 163 13.13 -5.26 10.84
C VAL C 163 13.09 -3.88 11.50
N VAL C 164 14.26 -3.24 11.61
CA VAL C 164 14.35 -1.98 12.34
C VAL C 164 15.51 -1.13 11.82
N ASP C 165 15.34 0.20 11.87
CA ASP C 165 16.37 1.13 11.44
C ASP C 165 17.54 1.19 12.44
N VAL C 166 18.75 1.37 11.92
CA VAL C 166 19.93 1.48 12.75
C VAL C 166 20.40 2.93 12.83
N PRO C 167 20.39 3.53 14.03
CA PRO C 167 20.86 4.90 14.24
C PRO C 167 22.32 5.11 13.82
N GLU C 168 22.67 6.35 13.47
CA GLU C 168 23.96 6.67 12.86
C GLU C 168 25.15 6.37 13.76
N GLY C 169 25.07 6.80 15.02
CA GLY C 169 26.13 6.55 15.98
C GLY C 169 26.27 5.08 16.31
N ASN C 170 25.20 4.33 16.08
CA ASN C 170 25.17 2.89 16.37
C ASN C 170 25.71 2.01 15.25
N SER C 171 26.29 0.88 15.64
CA SER C 171 26.62 -0.18 14.69
C SER C 171 25.41 -1.09 14.53
N GLU C 172 25.52 -2.07 13.65
CA GLU C 172 24.37 -2.92 13.37
C GLU C 172 24.10 -3.87 14.53
N GLU C 173 25.16 -4.39 15.13
CA GLU C 173 25.02 -5.33 16.25
C GLU C 173 24.42 -4.66 17.48
N ASP C 174 24.75 -3.40 17.69
CA ASP C 174 24.26 -2.65 18.86
C ASP C 174 22.74 -2.57 18.86
N THR C 175 22.17 -2.42 17.67
CA THR C 175 20.72 -2.39 17.50
C THR C 175 20.16 -3.81 17.56
N ARG C 176 20.83 -4.74 16.89
CA ARG C 176 20.36 -6.12 16.80
C ARG C 176 20.41 -6.82 18.15
N LEU C 177 21.46 -6.57 18.93
CA LEU C 177 21.62 -7.23 20.22
C LEU C 177 20.61 -6.72 21.25
N PHE C 178 20.22 -5.46 21.11
CA PHE C 178 19.26 -4.88 22.04
C PHE C 178 17.87 -5.47 21.84
N ALA C 179 17.39 -5.44 20.60
CA ALA C 179 16.06 -5.95 20.27
C ALA C 179 15.97 -7.44 20.57
N ASP C 180 16.98 -8.20 20.13
CA ASP C 180 17.07 -9.63 20.40
C ASP C 180 16.92 -9.92 21.89
N THR C 181 17.56 -9.10 22.71
CA THR C 181 17.52 -9.27 24.16
C THR C 181 16.10 -9.09 24.68
N VAL C 182 15.42 -8.06 24.20
CA VAL C 182 14.05 -7.78 24.63
C VAL C 182 13.09 -8.89 24.17
N VAL C 183 13.15 -9.22 22.88
CA VAL C 183 12.34 -10.29 22.31
C VAL C 183 12.48 -11.61 23.07
N ARG C 184 13.72 -12.00 23.37
CA ARG C 184 13.99 -13.24 24.08
C ARG C 184 13.41 -13.23 25.49
N LEU C 185 13.56 -12.10 26.19
CA LEU C 185 13.03 -11.96 27.54
C LEU C 185 11.50 -11.97 27.55
N ASN C 186 10.89 -11.44 26.50
CA ASN C 186 9.44 -11.49 26.36
C ASN C 186 8.96 -12.91 26.13
N LEU C 187 9.67 -13.65 25.27
CA LEU C 187 9.30 -15.01 24.94
C LEU C 187 9.55 -15.96 26.10
N GLN C 188 10.59 -15.71 26.90
CA GLN C 188 10.85 -16.50 28.09
C GLN C 188 9.72 -16.32 29.10
N LYS C 189 9.21 -15.10 29.17
CA LYS C 189 8.07 -14.78 30.03
C LYS C 189 6.80 -15.40 29.46
N LEU C 190 6.69 -15.35 28.14
CA LEU C 190 5.58 -15.98 27.44
C LEU C 190 5.55 -17.48 27.69
N LYS C 191 6.73 -18.10 27.63
CA LYS C 191 6.89 -19.53 27.92
C LYS C 191 6.45 -19.88 29.33
N SER C 192 7.05 -19.19 30.31
CA SER C 192 6.77 -19.42 31.72
C SER C 192 5.28 -19.24 32.01
N LEU C 193 4.71 -18.22 31.39
CA LEU C 193 3.29 -17.93 31.54
C LEU C 193 2.42 -19.02 30.90
N ALA C 194 2.75 -19.40 29.67
CA ALA C 194 1.94 -20.36 28.93
C ALA C 194 2.02 -21.77 29.51
N GLU C 195 3.20 -22.16 29.96
CA GLU C 195 3.39 -23.47 30.59
C GLU C 195 2.66 -23.54 31.94
N ALA C 196 2.58 -22.40 32.62
CA ALA C 196 1.90 -22.34 33.91
C ALA C 196 0.39 -22.44 33.74
N ASN C 197 -0.14 -21.70 32.77
CA ASN C 197 -1.56 -21.70 32.50
C ASN C 197 -2.06 -23.05 32.01
N ALA C 198 -1.21 -23.77 31.29
CA ALA C 198 -1.57 -25.08 30.77
C ALA C 198 -1.83 -26.07 31.89
N THR C 199 -1.01 -26.01 32.94
CA THR C 199 -1.19 -26.87 34.11
C THR C 199 -2.51 -26.59 34.79
N SER C 200 -2.85 -25.30 34.91
CA SER C 200 -4.10 -24.89 35.51
C SER C 200 -5.28 -25.41 34.70
N ALA C 201 -5.15 -25.33 33.37
CA ALA C 201 -6.19 -25.82 32.47
C ALA C 201 -6.40 -27.31 32.62
N ALA C 202 -5.31 -28.05 32.82
CA ALA C 202 -5.34 -29.50 32.96
C ALA C 202 -6.40 -29.95 33.96
#